data_8IW0
#
_entry.id   8IW0
#
_cell.length_a   48.151
_cell.length_b   36.882
_cell.length_c   93.011
_cell.angle_alpha   90.00
_cell.angle_beta   95.67
_cell.angle_gamma   90.00
#
_symmetry.space_group_name_H-M   'P 1 21 1'
#
loop_
_entity.id
_entity.type
_entity.pdbx_description
1 polymer 'Liprin-beta-1,KN motif and ankyrin repeat domain-containing protein 1'
2 water water
#
_entity_poly.entity_id   1
_entity_poly.type   'polypeptide(L)'
_entity_poly.pdbx_seq_one_letter_code
;MMSDASDMLAAALEQMDGIIAGSGSGSSPMHLQHIREQMAIALKRLKELEEQVRTIPVLQVKISVLQEEKRQLVSQLKNQ
RAASQINGLEHHHHHH
;
_entity_poly.pdbx_strand_id   A,B,D,C
#
# COMPACT_ATOMS: atom_id res chain seq x y z
N SER A 3 -24.30 -2.50 -7.46
CA SER A 3 -24.40 -1.59 -6.33
C SER A 3 -25.42 -2.13 -5.33
N ASP A 4 -26.69 -2.16 -5.74
CA ASP A 4 -27.76 -2.78 -4.99
C ASP A 4 -27.87 -4.28 -5.29
N ALA A 5 -26.78 -4.89 -5.76
CA ALA A 5 -26.80 -6.27 -6.24
C ALA A 5 -27.21 -7.24 -5.16
N SER A 6 -26.76 -7.02 -3.92
CA SER A 6 -27.16 -7.92 -2.84
C SER A 6 -28.68 -7.97 -2.70
N ASP A 7 -29.34 -6.83 -2.92
CA ASP A 7 -30.80 -6.83 -2.88
C ASP A 7 -31.38 -7.56 -4.08
N MET A 8 -30.74 -7.42 -5.25
CA MET A 8 -31.23 -8.11 -6.44
C MET A 8 -31.11 -9.61 -6.29
N LEU A 9 -30.03 -10.09 -5.66
CA LEU A 9 -29.85 -11.52 -5.46
C LEU A 9 -30.82 -12.06 -4.42
N ALA A 10 -31.04 -11.31 -3.34
CA ALA A 10 -32.05 -11.70 -2.36
C ALA A 10 -33.42 -11.79 -3.02
N ALA A 11 -33.75 -10.84 -3.90
CA ALA A 11 -35.02 -10.87 -4.60
C ALA A 11 -35.11 -12.10 -5.52
N ALA A 12 -34.04 -12.36 -6.28
CA ALA A 12 -34.03 -13.55 -7.12
C ALA A 12 -34.17 -14.82 -6.28
N LEU A 13 -33.59 -14.83 -5.08
CA LEU A 13 -33.74 -15.98 -4.19
C LEU A 13 -35.20 -16.15 -3.77
N GLU A 14 -35.89 -15.04 -3.51
CA GLU A 14 -37.28 -15.12 -3.08
C GLU A 14 -38.18 -15.63 -4.20
N GLN A 15 -37.97 -15.14 -5.42
CA GLN A 15 -38.73 -15.63 -6.56
C GLN A 15 -38.45 -17.10 -6.81
N MET A 16 -37.18 -17.50 -6.75
CA MET A 16 -36.82 -18.90 -6.91
C MET A 16 -37.49 -19.77 -5.87
N ASP A 17 -37.49 -19.33 -4.60
CA ASP A 17 -38.19 -20.06 -3.55
C ASP A 17 -39.69 -20.07 -3.74
N GLY A 18 -40.24 -19.00 -4.31
CA GLY A 18 -41.67 -18.99 -4.60
C GLY A 18 -42.03 -19.97 -5.70
N ILE A 19 -41.13 -20.15 -6.67
CA ILE A 19 -41.35 -21.14 -7.71
C ILE A 19 -41.20 -22.55 -7.14
N ILE A 20 -40.13 -22.78 -6.38
CA ILE A 20 -39.85 -24.10 -5.83
C ILE A 20 -40.99 -24.55 -4.92
N ALA A 21 -41.46 -23.67 -4.05
CA ALA A 21 -42.55 -24.01 -3.14
C ALA A 21 -43.92 -23.91 -3.79
N GLY A 22 -44.04 -23.33 -4.98
CA GLY A 22 -45.31 -23.29 -5.64
C GLY A 22 -46.26 -22.24 -5.11
N SER A 23 -45.72 -21.16 -4.54
CA SER A 23 -46.54 -20.09 -3.97
C SER A 23 -46.85 -18.99 -5.00
N GLY A 24 -47.27 -19.40 -6.20
CA GLY A 24 -47.75 -18.47 -7.19
C GLY A 24 -46.72 -17.64 -7.92
N SER A 25 -45.44 -17.70 -7.54
CA SER A 25 -44.43 -17.00 -8.31
C SER A 25 -44.32 -17.60 -9.70
N GLY A 26 -44.16 -16.74 -10.71
CA GLY A 26 -44.19 -17.20 -12.09
C GLY A 26 -42.90 -17.91 -12.47
N SER A 27 -43.04 -19.07 -13.13
CA SER A 27 -41.89 -19.82 -13.61
C SER A 27 -41.77 -19.85 -15.15
N SER A 28 -42.30 -18.84 -15.84
CA SER A 28 -42.17 -18.80 -17.29
C SER A 28 -40.72 -18.50 -17.68
N PRO A 29 -40.35 -18.76 -18.94
CA PRO A 29 -39.00 -18.34 -19.40
C PRO A 29 -38.71 -16.88 -19.11
N MET A 30 -39.73 -16.01 -19.18
CA MET A 30 -39.52 -14.61 -18.84
C MET A 30 -39.07 -14.48 -17.39
N HIS A 31 -39.76 -15.17 -16.48
CA HIS A 31 -39.40 -15.09 -15.07
C HIS A 31 -37.99 -15.64 -14.82
N LEU A 32 -37.65 -16.76 -15.47
CA LEU A 32 -36.29 -17.27 -15.38
C LEU A 32 -35.28 -16.30 -15.97
N GLN A 33 -35.67 -15.61 -17.05
CA GLN A 33 -34.80 -14.58 -17.62
C GLN A 33 -34.54 -13.46 -16.62
N HIS A 34 -35.57 -13.06 -15.88
CA HIS A 34 -35.40 -12.00 -14.88
C HIS A 34 -34.48 -12.47 -13.75
N ILE A 35 -34.66 -13.71 -13.28
CA ILE A 35 -33.77 -14.27 -12.27
C ILE A 35 -32.32 -14.28 -12.78
N ARG A 36 -32.13 -14.72 -14.02
CA ARG A 36 -30.80 -14.75 -14.64
C ARG A 36 -30.13 -13.38 -14.58
N GLU A 37 -30.84 -12.34 -15.04
CA GLU A 37 -30.26 -11.00 -15.08
C GLU A 37 -29.90 -10.51 -13.68
N GLN A 38 -30.74 -10.81 -12.68
CA GLN A 38 -30.41 -10.44 -11.31
C GLN A 38 -29.16 -11.19 -10.83
N MET A 39 -29.05 -12.48 -11.15
CA MET A 39 -27.86 -13.24 -10.80
C MET A 39 -26.62 -12.68 -11.47
N ALA A 40 -26.75 -12.21 -12.71
CA ALA A 40 -25.59 -11.71 -13.43
C ALA A 40 -25.06 -10.42 -12.80
N ILE A 41 -25.96 -9.51 -12.42
CA ILE A 41 -25.52 -8.28 -11.76
C ILE A 41 -24.86 -8.60 -10.42
N ALA A 42 -25.45 -9.53 -9.66
CA ALA A 42 -24.87 -9.91 -8.37
C ALA A 42 -23.48 -10.50 -8.54
N LEU A 43 -23.27 -11.29 -9.60
CA LEU A 43 -21.96 -11.88 -9.85
C LEU A 43 -20.93 -10.79 -10.14
N LYS A 44 -21.31 -9.81 -10.97
CA LYS A 44 -20.40 -8.70 -11.30
C LYS A 44 -20.03 -7.91 -10.05
N ARG A 45 -21.00 -7.63 -9.18
CA ARG A 45 -20.70 -6.96 -7.93
C ARG A 45 -19.89 -7.84 -6.99
N LEU A 46 -20.19 -9.14 -6.95
CA LEU A 46 -19.44 -10.05 -6.08
C LEU A 46 -17.97 -10.10 -6.44
N LYS A 47 -17.65 -10.14 -7.74
CA LYS A 47 -16.25 -10.15 -8.16
C LYS A 47 -15.58 -8.82 -7.83
N GLU A 48 -16.30 -7.72 -7.99
CA GLU A 48 -15.73 -6.42 -7.64
C GLU A 48 -15.41 -6.34 -6.15
N LEU A 49 -16.27 -6.91 -5.31
CA LEU A 49 -16.03 -6.87 -3.88
C LEU A 49 -14.90 -7.80 -3.46
N GLU A 50 -14.79 -8.96 -4.10
CA GLU A 50 -13.66 -9.85 -3.83
C GLU A 50 -12.33 -9.15 -4.10
N GLU A 51 -12.29 -8.28 -5.11
CA GLU A 51 -11.07 -7.51 -5.38
C GLU A 51 -10.88 -6.41 -4.35
N GLN A 52 -11.97 -5.74 -3.96
CA GLN A 52 -11.88 -4.62 -3.02
C GLN A 52 -11.37 -5.06 -1.66
N VAL A 53 -11.90 -6.16 -1.12
CA VAL A 53 -11.54 -6.55 0.24
C VAL A 53 -10.08 -6.97 0.36
N ARG A 54 -9.41 -7.29 -0.75
CA ARG A 54 -7.98 -7.61 -0.71
C ARG A 54 -7.16 -6.43 -0.22
N THR A 55 -7.68 -5.20 -0.30
CA THR A 55 -6.95 -4.05 0.17
C THR A 55 -6.93 -3.95 1.69
N ILE A 56 -7.84 -4.65 2.38
CA ILE A 56 -7.88 -4.58 3.84
C ILE A 56 -6.58 -5.08 4.47
N PRO A 57 -6.03 -6.25 4.10
CA PRO A 57 -4.71 -6.61 4.64
C PRO A 57 -3.64 -5.59 4.36
N VAL A 58 -3.70 -4.89 3.22
CA VAL A 58 -2.67 -3.90 2.91
C VAL A 58 -2.79 -2.70 3.84
N LEU A 59 -4.02 -2.22 4.04
CA LEU A 59 -4.25 -1.09 4.95
C LEU A 59 -3.84 -1.44 6.38
N GLN A 60 -4.12 -2.68 6.81
CA GLN A 60 -3.77 -3.09 8.17
C GLN A 60 -2.27 -3.13 8.36
N VAL A 61 -1.53 -3.52 7.32
CA VAL A 61 -0.08 -3.49 7.40
C VAL A 61 0.41 -2.05 7.51
N LYS A 62 -0.22 -1.14 6.76
CA LYS A 62 0.13 0.28 6.86
C LYS A 62 -0.08 0.77 8.29
N ILE A 63 -1.13 0.28 8.95
CA ILE A 63 -1.40 0.66 10.33
C ILE A 63 -0.31 0.13 11.24
N SER A 64 0.09 -1.13 11.05
CA SER A 64 1.12 -1.73 11.88
C SER A 64 2.48 -1.07 11.65
N VAL A 65 2.77 -0.70 10.40
CA VAL A 65 4.03 -0.03 10.13
C VAL A 65 4.08 1.34 10.81
N LEU A 66 2.98 2.10 10.72
CA LEU A 66 2.94 3.42 11.34
C LEU A 66 3.01 3.33 12.85
N GLN A 67 2.37 2.32 13.45
CA GLN A 67 2.45 2.15 14.89
C GLN A 67 3.88 1.83 15.32
N GLU A 68 4.58 1.01 14.54
CA GLU A 68 5.97 0.71 14.86
C GLU A 68 6.86 1.94 14.72
N GLU A 69 6.63 2.74 13.67
CA GLU A 69 7.39 3.97 13.48
C GLU A 69 7.18 4.94 14.65
N LYS A 70 5.96 4.99 15.18
CA LYS A 70 5.70 5.85 16.33
C LYS A 70 6.48 5.40 17.55
N ARG A 71 6.45 4.09 17.87
CA ARG A 71 7.20 3.60 19.02
CA ARG A 71 7.20 3.59 19.02
C ARG A 71 8.68 3.96 18.92
N GLN A 72 9.22 3.91 17.70
CA GLN A 72 10.62 4.23 17.50
C GLN A 72 10.88 5.73 17.57
N LEU A 73 9.92 6.54 17.10
CA LEU A 73 10.05 7.99 17.26
C LEU A 73 9.98 8.37 18.74
N VAL A 74 9.15 7.69 19.52
CA VAL A 74 9.04 8.00 20.94
C VAL A 74 10.38 7.78 21.64
N SER A 75 11.04 6.66 21.35
CA SER A 75 12.30 6.34 22.01
C SER A 75 13.41 7.31 21.60
N GLN A 76 13.43 7.73 20.32
CA GLN A 76 14.41 8.74 19.92
C GLN A 76 14.09 10.09 20.53
N LEU A 77 12.79 10.42 20.65
CA LEU A 77 12.41 11.68 21.27
C LEU A 77 12.84 11.73 22.73
N LYS A 78 12.69 10.61 23.45
CA LYS A 78 13.16 10.57 24.84
C LYS A 78 14.67 10.74 24.92
N ASN A 79 15.41 10.08 24.03
CA ASN A 79 16.86 10.24 24.02
C ASN A 79 17.25 11.68 23.69
N GLN A 80 16.53 12.31 22.77
CA GLN A 80 16.90 13.65 22.33
C GLN A 80 16.43 14.74 23.31
N ARG A 81 15.34 14.51 24.03
CA ARG A 81 14.95 15.45 25.08
C ARG A 81 15.96 15.46 26.22
N ALA A 82 16.82 14.44 26.30
CA ALA A 82 17.86 14.42 27.33
C ALA A 82 19.07 15.25 26.91
N ALA A 83 19.50 15.13 25.65
CA ALA A 83 20.64 15.90 25.18
C ALA A 83 20.37 17.40 25.22
N SER A 84 19.12 17.80 25.04
CA SER A 84 18.75 19.22 25.11
C SER A 84 19.02 19.83 26.47
N GLN A 85 19.30 19.00 27.49
CA GLN A 85 19.72 19.49 28.79
C GLN A 85 21.23 19.63 28.91
N ILE A 86 21.96 19.47 27.81
CA ILE A 86 23.42 19.59 27.83
C ILE A 86 23.88 20.89 27.16
N MET B 2 -9.75 -18.11 -0.13
CA MET B 2 -10.24 -18.15 -1.51
C MET B 2 -11.66 -18.72 -1.57
N SER B 3 -12.65 -17.85 -1.46
CA SER B 3 -14.04 -18.27 -1.51
C SER B 3 -14.40 -18.72 -2.93
N ASP B 4 -15.13 -19.83 -3.02
CA ASP B 4 -15.64 -20.29 -4.30
C ASP B 4 -17.01 -19.71 -4.63
N ALA B 5 -17.43 -18.65 -3.94
CA ALA B 5 -18.78 -18.14 -4.13
C ALA B 5 -19.01 -17.59 -5.54
N SER B 6 -18.04 -16.82 -6.05
CA SER B 6 -18.17 -16.28 -7.40
C SER B 6 -18.27 -17.39 -8.44
N ASP B 7 -17.55 -18.50 -8.23
CA ASP B 7 -17.65 -19.61 -9.17
C ASP B 7 -18.97 -20.35 -9.04
N MET B 8 -19.49 -20.49 -7.81
CA MET B 8 -20.78 -21.17 -7.65
C MET B 8 -21.91 -20.35 -8.28
N LEU B 9 -21.83 -19.03 -8.18
CA LEU B 9 -22.83 -18.19 -8.81
C LEU B 9 -22.68 -18.22 -10.33
N ALA B 10 -21.45 -18.19 -10.82
CA ALA B 10 -21.21 -18.37 -12.25
C ALA B 10 -21.75 -19.72 -12.74
N ALA B 11 -21.55 -20.77 -11.94
CA ALA B 11 -22.07 -22.08 -12.31
C ALA B 11 -23.59 -22.08 -12.34
N ALA B 12 -24.23 -21.57 -11.27
CA ALA B 12 -25.69 -21.47 -11.27
C ALA B 12 -26.19 -20.59 -12.41
N LEU B 13 -25.43 -19.54 -12.75
CA LEU B 13 -25.80 -18.71 -13.89
C LEU B 13 -25.74 -19.48 -15.19
N GLU B 14 -24.75 -20.37 -15.34
CA GLU B 14 -24.63 -21.15 -16.57
C GLU B 14 -25.78 -22.12 -16.71
N GLN B 15 -26.17 -22.78 -15.62
CA GLN B 15 -27.33 -23.67 -15.66
C GLN B 15 -28.59 -22.90 -16.01
N MET B 16 -28.79 -21.73 -15.39
CA MET B 16 -29.93 -20.89 -15.71
C MET B 16 -29.97 -20.54 -17.18
N ASP B 17 -28.80 -20.24 -17.76
CA ASP B 17 -28.74 -19.96 -19.20
C ASP B 17 -29.10 -21.19 -20.02
N GLY B 18 -28.73 -22.38 -19.55
CA GLY B 18 -29.11 -23.58 -20.26
C GLY B 18 -30.59 -23.87 -20.19
N ILE B 19 -31.22 -23.54 -19.07
CA ILE B 19 -32.66 -23.71 -18.94
C ILE B 19 -33.40 -22.70 -19.82
N ILE B 20 -32.98 -21.44 -19.77
CA ILE B 20 -33.64 -20.41 -20.57
C ILE B 20 -33.54 -20.74 -22.05
N ALA B 21 -32.35 -21.14 -22.50
CA ALA B 21 -32.18 -21.50 -23.91
C ALA B 21 -32.75 -22.88 -24.21
N GLY B 22 -33.11 -23.64 -23.18
CA GLY B 22 -33.76 -24.92 -23.38
C GLY B 22 -35.25 -24.88 -23.10
N SER B 23 -35.84 -23.68 -23.18
CA SER B 23 -37.28 -23.48 -22.99
C SER B 23 -37.79 -24.10 -21.69
N GLY B 24 -37.11 -23.79 -20.59
CA GLY B 24 -37.54 -24.21 -19.28
C GLY B 24 -37.23 -25.65 -18.91
N SER B 25 -36.72 -26.45 -19.84
CA SER B 25 -36.31 -27.80 -19.51
C SER B 25 -35.14 -27.75 -18.53
N GLY B 26 -35.11 -28.72 -17.61
CA GLY B 26 -34.15 -28.71 -16.54
C GLY B 26 -34.64 -28.01 -15.29
N SER B 27 -35.87 -27.49 -15.31
CA SER B 27 -36.48 -26.83 -14.17
C SER B 27 -36.97 -27.87 -13.17
N SER B 28 -36.23 -28.96 -13.04
CA SER B 28 -36.61 -30.00 -12.11
C SER B 28 -36.49 -29.47 -10.69
N PRO B 29 -37.23 -30.05 -9.75
CA PRO B 29 -37.09 -29.64 -8.34
C PRO B 29 -35.68 -29.77 -7.81
N MET B 30 -34.95 -30.82 -8.17
CA MET B 30 -33.57 -30.97 -7.73
C MET B 30 -32.69 -29.88 -8.32
N HIS B 31 -32.78 -29.67 -9.64
CA HIS B 31 -31.94 -28.67 -10.28
C HIS B 31 -32.26 -27.26 -9.80
N LEU B 32 -33.55 -26.94 -9.66
CA LEU B 32 -33.91 -25.64 -9.12
C LEU B 32 -33.43 -25.48 -7.69
N GLN B 33 -33.56 -26.54 -6.88
CA GLN B 33 -33.00 -26.50 -5.54
C GLN B 33 -31.48 -26.40 -5.58
N HIS B 34 -30.83 -27.10 -6.52
CA HIS B 34 -29.38 -27.02 -6.61
C HIS B 34 -28.92 -25.61 -6.98
N ILE B 35 -29.56 -25.01 -7.99
CA ILE B 35 -29.27 -23.62 -8.32
C ILE B 35 -29.57 -22.72 -7.12
N ARG B 36 -30.72 -22.96 -6.48
CA ARG B 36 -31.11 -22.18 -5.31
C ARG B 36 -30.02 -22.20 -4.24
N GLU B 37 -29.54 -23.39 -3.88
CA GLU B 37 -28.54 -23.51 -2.83
C GLU B 37 -27.28 -22.73 -3.18
N GLN B 38 -26.86 -22.79 -4.45
CA GLN B 38 -25.71 -22.02 -4.89
C GLN B 38 -25.97 -20.52 -4.79
N MET B 39 -27.20 -20.10 -5.11
CA MET B 39 -27.55 -18.69 -4.94
C MET B 39 -27.45 -18.28 -3.48
N ALA B 40 -27.83 -19.17 -2.57
CA ALA B 40 -27.76 -18.86 -1.14
C ALA B 40 -26.31 -18.71 -0.69
N ILE B 41 -25.41 -19.58 -1.18
CA ILE B 41 -24.00 -19.46 -0.84
C ILE B 41 -23.45 -18.12 -1.33
N ALA B 42 -23.78 -17.75 -2.57
CA ALA B 42 -23.28 -16.49 -3.12
C ALA B 42 -23.81 -15.30 -2.35
N LEU B 43 -25.09 -15.32 -1.95
CA LEU B 43 -25.68 -14.19 -1.24
C LEU B 43 -25.04 -13.99 0.12
N LYS B 44 -24.84 -15.08 0.87
CA LYS B 44 -24.23 -14.99 2.19
C LYS B 44 -22.82 -14.42 2.10
N ARG B 45 -22.04 -14.88 1.12
CA ARG B 45 -20.70 -14.29 0.92
C ARG B 45 -20.81 -12.84 0.48
N LEU B 46 -21.78 -12.53 -0.37
CA LEU B 46 -21.98 -11.15 -0.83
C LEU B 46 -22.30 -10.23 0.35
N LYS B 47 -23.15 -10.67 1.28
CA LYS B 47 -23.46 -9.84 2.43
C LYS B 47 -22.26 -9.67 3.34
N GLU B 48 -21.45 -10.73 3.53
CA GLU B 48 -20.25 -10.59 4.34
C GLU B 48 -19.30 -9.57 3.71
N LEU B 49 -19.21 -9.56 2.39
CA LEU B 49 -18.30 -8.62 1.72
C LEU B 49 -18.85 -7.20 1.77
N GLU B 50 -20.16 -7.04 1.65
CA GLU B 50 -20.76 -5.71 1.78
C GLU B 50 -20.45 -5.09 3.14
N GLU B 51 -20.40 -5.92 4.18
CA GLU B 51 -20.02 -5.41 5.50
C GLU B 51 -18.53 -5.10 5.57
N GLN B 52 -17.71 -5.95 4.94
CA GLN B 52 -16.27 -5.76 5.01
C GLN B 52 -15.85 -4.44 4.37
N VAL B 53 -16.37 -4.15 3.17
CA VAL B 53 -15.94 -2.95 2.46
C VAL B 53 -16.33 -1.67 3.18
N ARG B 54 -17.32 -1.74 4.09
CA ARG B 54 -17.65 -0.59 4.91
C ARG B 54 -16.50 -0.18 5.81
N THR B 55 -15.60 -1.12 6.13
CA THR B 55 -14.46 -0.84 7.01
C THR B 55 -13.31 -0.15 6.29
N ILE B 56 -13.25 -0.21 4.96
CA ILE B 56 -12.12 0.40 4.25
C ILE B 56 -12.05 1.90 4.50
N PRO B 57 -13.14 2.68 4.39
CA PRO B 57 -13.07 4.09 4.76
C PRO B 57 -12.61 4.32 6.19
N VAL B 58 -12.95 3.41 7.12
CA VAL B 58 -12.53 3.57 8.50
C VAL B 58 -11.02 3.36 8.62
N LEU B 59 -10.50 2.31 7.97
CA LEU B 59 -9.07 2.05 8.00
C LEU B 59 -8.29 3.20 7.38
N GLN B 60 -8.82 3.83 6.34
CA GLN B 60 -8.12 4.93 5.70
C GLN B 60 -8.01 6.13 6.64
N VAL B 61 -9.08 6.43 7.39
CA VAL B 61 -9.01 7.53 8.35
C VAL B 61 -8.08 7.17 9.51
N LYS B 62 -8.12 5.92 9.97
CA LYS B 62 -7.19 5.48 11.00
C LYS B 62 -5.74 5.68 10.57
N ILE B 63 -5.47 5.43 9.29
CA ILE B 63 -4.13 5.65 8.76
C ILE B 63 -3.79 7.13 8.80
N SER B 64 -4.73 7.99 8.38
CA SER B 64 -4.47 9.43 8.43
C SER B 64 -4.24 9.91 9.86
N VAL B 65 -4.90 9.29 10.84
CA VAL B 65 -4.68 9.65 12.23
C VAL B 65 -3.25 9.29 12.66
N LEU B 66 -2.80 8.09 12.29
CA LEU B 66 -1.45 7.65 12.63
C LEU B 66 -0.40 8.49 11.92
N GLN B 67 -0.68 8.91 10.68
CA GLN B 67 0.24 9.79 9.96
C GLN B 67 0.36 11.14 10.65
N GLU B 68 -0.74 11.69 11.13
CA GLU B 68 -0.66 12.95 11.87
C GLU B 68 0.07 12.75 13.20
N GLU B 69 -0.22 11.65 13.90
CA GLU B 69 0.48 11.37 15.14
C GLU B 69 1.97 11.17 14.91
N LYS B 70 2.34 10.48 13.83
CA LYS B 70 3.75 10.36 13.49
C LYS B 70 4.35 11.73 13.16
N ARG B 71 3.62 12.53 12.39
CA ARG B 71 4.12 13.83 11.97
C ARG B 71 4.40 14.74 13.18
N GLN B 72 3.54 14.68 14.19
CA GLN B 72 3.79 15.50 15.37
C GLN B 72 5.00 15.01 16.14
N LEU B 73 5.23 13.69 16.17
CA LEU B 73 6.44 13.18 16.81
C LEU B 73 7.69 13.58 16.04
N VAL B 74 7.64 13.55 14.71
CA VAL B 74 8.80 13.87 13.90
C VAL B 74 9.23 15.32 14.11
N SER B 75 8.26 16.24 14.14
CA SER B 75 8.59 17.65 14.33
C SER B 75 9.17 17.91 15.72
N GLN B 76 8.69 17.18 16.74
CA GLN B 76 9.26 17.34 18.08
C GLN B 76 10.68 16.78 18.13
N LEU B 77 10.91 15.65 17.46
CA LEU B 77 12.25 15.07 17.41
C LEU B 77 13.21 15.97 16.66
N LYS B 78 12.77 16.55 15.54
CA LYS B 78 13.63 17.44 14.76
C LYS B 78 14.00 18.70 15.54
N ASN B 79 13.03 19.31 16.22
CA ASN B 79 13.33 20.51 17.00
C ASN B 79 14.32 20.21 18.12
N GLN B 80 14.13 19.10 18.84
CA GLN B 80 15.07 18.74 19.89
C GLN B 80 16.46 18.51 19.32
N ARG B 81 16.54 17.86 18.15
CA ARG B 81 17.83 17.66 17.51
C ARG B 81 18.41 18.96 16.94
N ALA B 82 17.58 19.97 16.70
CA ALA B 82 18.09 21.25 16.24
C ALA B 82 18.83 21.99 17.35
N ALA B 83 18.38 21.84 18.59
CA ALA B 83 19.02 22.50 19.72
C ALA B 83 19.54 21.50 20.74
N SER C 3 17.38 14.45 -8.17
CA SER C 3 17.91 13.49 -9.14
C SER C 3 19.42 13.37 -9.01
N ASP C 4 20.12 14.43 -9.35
CA ASP C 4 21.56 14.53 -9.18
C ASP C 4 21.95 14.99 -7.77
N ALA C 5 21.04 14.86 -6.81
CA ALA C 5 21.29 15.36 -5.45
C ALA C 5 22.45 14.64 -4.80
N SER C 6 22.54 13.32 -4.98
CA SER C 6 23.67 12.58 -4.42
C SER C 6 24.98 13.13 -4.98
N ASP C 7 24.99 13.56 -6.25
CA ASP C 7 26.18 14.18 -6.80
C ASP C 7 26.41 15.54 -6.18
N MET C 8 25.34 16.27 -5.91
CA MET C 8 25.49 17.59 -5.30
C MET C 8 26.04 17.49 -3.89
N LEU C 9 25.61 16.48 -3.14
CA LEU C 9 26.12 16.31 -1.78
C LEU C 9 27.55 15.81 -1.78
N ALA C 10 27.89 14.87 -2.68
CA ALA C 10 29.28 14.45 -2.81
C ALA C 10 30.18 15.61 -3.19
N ALA C 11 29.73 16.46 -4.12
CA ALA C 11 30.52 17.62 -4.51
C ALA C 11 30.68 18.58 -3.34
N ALA C 12 29.57 18.87 -2.65
CA ALA C 12 29.65 19.72 -1.46
C ALA C 12 30.57 19.13 -0.41
N LEU C 13 30.60 17.80 -0.28
CA LEU C 13 31.54 17.15 0.63
C LEU C 13 32.98 17.42 0.21
N GLU C 14 33.23 17.42 -1.10
CA GLU C 14 34.59 17.63 -1.60
C GLU C 14 35.06 19.06 -1.33
N GLN C 15 34.17 20.05 -1.51
CA GLN C 15 34.54 21.42 -1.18
C GLN C 15 34.84 21.57 0.31
N MET C 16 34.00 20.98 1.17
CA MET C 16 34.26 21.05 2.60
C MET C 16 35.62 20.43 2.95
N ASP C 17 35.94 19.29 2.35
CA ASP C 17 37.24 18.69 2.58
C ASP C 17 38.36 19.54 1.99
N GLY C 18 38.10 20.22 0.87
CA GLY C 18 39.10 21.11 0.33
C GLY C 18 39.34 22.34 1.18
N ILE C 19 38.30 22.84 1.84
CA ILE C 19 38.46 23.97 2.75
C ILE C 19 39.20 23.52 4.01
N ILE C 20 38.76 22.40 4.59
CA ILE C 20 39.34 21.89 5.83
C ILE C 20 40.82 21.57 5.64
N ALA C 21 41.15 20.88 4.55
CA ALA C 21 42.53 20.50 4.27
C ALA C 21 43.36 21.63 3.64
N GLY C 22 42.73 22.71 3.20
CA GLY C 22 43.49 23.80 2.64
C GLY C 22 43.93 23.56 1.22
N SER C 23 43.20 22.73 0.48
CA SER C 23 43.55 22.43 -0.91
C SER C 23 43.02 23.47 -1.89
N GLY C 24 43.23 24.76 -1.59
CA GLY C 24 42.88 25.80 -2.54
C GLY C 24 41.41 26.06 -2.66
N SER C 25 40.55 25.28 -2.02
CA SER C 25 39.12 25.50 -2.06
C SER C 25 38.76 26.83 -1.39
N GLY C 26 37.77 27.52 -1.97
CA GLY C 26 37.40 28.82 -1.45
C GLY C 26 36.48 28.68 -0.25
N SER C 27 36.81 29.38 0.83
CA SER C 27 35.98 29.41 2.03
C SER C 27 35.27 30.75 2.25
N SER C 28 35.04 31.51 1.18
CA SER C 28 34.35 32.78 1.29
C SER C 28 32.89 32.55 1.64
N PRO C 29 32.19 33.59 2.13
CA PRO C 29 30.74 33.45 2.34
C PRO C 29 30.00 32.92 1.12
N MET C 30 30.43 33.30 -0.09
CA MET C 30 29.82 32.76 -1.30
C MET C 30 29.99 31.25 -1.39
N HIS C 31 31.20 30.76 -1.11
CA HIS C 31 31.45 29.32 -1.20
C HIS C 31 30.63 28.55 -0.18
N LEU C 32 30.51 29.07 1.04
CA LEU C 32 29.65 28.44 2.04
C LEU C 32 28.19 28.49 1.61
N GLN C 33 27.77 29.58 0.96
CA GLN C 33 26.42 29.67 0.42
C GLN C 33 26.17 28.58 -0.61
N HIS C 34 27.16 28.31 -1.47
CA HIS C 34 27.02 27.27 -2.48
C HIS C 34 26.91 25.89 -1.84
N ILE C 35 27.78 25.62 -0.86
CA ILE C 35 27.71 24.36 -0.13
C ILE C 35 26.34 24.20 0.52
N ARG C 36 25.85 25.27 1.14
CA ARG C 36 24.54 25.26 1.78
C ARG C 36 23.46 24.81 0.81
N GLU C 37 23.38 25.47 -0.35
CA GLU C 37 22.33 25.18 -1.33
C GLU C 37 22.41 23.73 -1.80
N GLN C 38 23.63 23.22 -2.01
CA GLN C 38 23.77 21.82 -2.37
C GLN C 38 23.26 20.91 -1.26
N MET C 39 23.55 21.26 -0.01
CA MET C 39 23.03 20.51 1.13
C MET C 39 21.51 20.56 1.17
N ALA C 40 20.92 21.72 0.82
CA ALA C 40 19.47 21.87 0.88
C ALA C 40 18.78 21.02 -0.18
N ILE C 41 19.33 20.99 -1.40
CA ILE C 41 18.77 20.14 -2.45
C ILE C 41 18.89 18.67 -2.05
N ALA C 42 20.03 18.28 -1.50
CA ALA C 42 20.23 16.89 -1.06
C ALA C 42 19.25 16.54 0.05
N LEU C 43 18.98 17.47 0.95
CA LEU C 43 18.05 17.19 2.04
C LEU C 43 16.64 16.96 1.50
N LYS C 44 16.20 17.82 0.58
CA LYS C 44 14.86 17.68 0.00
C LYS C 44 14.72 16.35 -0.73
N ARG C 45 15.76 15.95 -1.48
CA ARG C 45 15.74 14.66 -2.15
C ARG C 45 15.76 13.51 -1.13
N LEU C 46 16.54 13.69 -0.06
CA LEU C 46 16.62 12.65 0.97
C LEU C 46 15.26 12.40 1.60
N LYS C 47 14.50 13.46 1.87
CA LYS C 47 13.19 13.29 2.50
C LYS C 47 12.20 12.57 1.57
N GLU C 48 12.19 12.90 0.27
CA GLU C 48 11.28 12.18 -0.62
C GLU C 48 11.66 10.71 -0.73
N LEU C 49 12.95 10.39 -0.73
CA LEU C 49 13.35 9.00 -0.86
C LEU C 49 13.01 8.21 0.38
N GLU C 50 13.13 8.84 1.56
CA GLU C 50 12.67 8.20 2.79
C GLU C 50 11.19 7.85 2.73
N GLU C 51 10.40 8.71 2.06
CA GLU C 51 8.98 8.41 1.91
C GLU C 51 8.74 7.32 0.87
N GLN C 52 9.49 7.36 -0.23
CA GLN C 52 9.28 6.41 -1.33
C GLN C 52 9.58 4.98 -0.88
N VAL C 53 10.70 4.79 -0.19
CA VAL C 53 11.11 3.43 0.18
C VAL C 53 10.15 2.79 1.17
N ARG C 54 9.31 3.59 1.85
CA ARG C 54 8.29 3.01 2.72
C ARG C 54 7.31 2.14 1.95
N THR C 55 7.18 2.34 0.63
CA THR C 55 6.25 1.51 -0.13
C THR C 55 6.79 0.11 -0.36
N ILE C 56 8.10 -0.10 -0.16
CA ILE C 56 8.69 -1.42 -0.39
C ILE C 56 8.08 -2.49 0.52
N PRO C 57 7.97 -2.27 1.85
CA PRO C 57 7.25 -3.27 2.66
C PRO C 57 5.84 -3.55 2.18
N VAL C 58 5.15 -2.55 1.63
CA VAL C 58 3.79 -2.78 1.14
C VAL C 58 3.82 -3.65 -0.12
N LEU C 59 4.74 -3.35 -1.05
CA LEU C 59 4.86 -4.17 -2.24
C LEU C 59 5.26 -5.60 -1.88
N GLN C 60 6.10 -5.76 -0.87
CA GLN C 60 6.51 -7.10 -0.45
C GLN C 60 5.34 -7.86 0.13
N VAL C 61 4.46 -7.17 0.85
CA VAL C 61 3.25 -7.82 1.37
C VAL C 61 2.33 -8.23 0.24
N LYS C 62 2.17 -7.38 -0.78
CA LYS C 62 1.36 -7.76 -1.92
C LYS C 62 1.90 -9.00 -2.61
N ILE C 63 3.23 -9.14 -2.66
CA ILE C 63 3.86 -10.31 -3.26
C ILE C 63 3.56 -11.56 -2.43
N SER C 64 3.71 -11.45 -1.10
CA SER C 64 3.49 -12.61 -0.24
C SER C 64 2.03 -13.05 -0.29
N VAL C 65 1.10 -12.11 -0.39
CA VAL C 65 -0.32 -12.46 -0.47
C VAL C 65 -0.59 -13.23 -1.76
N LEU C 66 -0.04 -12.75 -2.88
CA LEU C 66 -0.27 -13.41 -4.15
C LEU C 66 0.37 -14.79 -4.19
N GLN C 67 1.55 -14.95 -3.57
CA GLN C 67 2.20 -16.25 -3.54
C GLN C 67 1.39 -17.25 -2.72
N GLU C 68 0.82 -16.80 -1.59
CA GLU C 68 -0.03 -17.68 -0.81
C GLU C 68 -1.32 -18.03 -1.56
N GLU C 69 -1.92 -17.06 -2.25
CA GLU C 69 -3.13 -17.32 -3.02
C GLU C 69 -2.87 -18.34 -4.13
N LYS C 70 -1.69 -18.28 -4.75
CA LYS C 70 -1.33 -19.27 -5.76
C LYS C 70 -1.27 -20.67 -5.16
N ARG C 71 -0.64 -20.81 -3.99
CA ARG C 71 -0.54 -22.12 -3.35
C ARG C 71 -1.93 -22.69 -3.06
N GLN C 72 -2.87 -21.83 -2.69
CA GLN C 72 -4.23 -22.29 -2.42
C GLN C 72 -4.99 -22.61 -3.69
N LEU C 73 -4.74 -21.88 -4.78
CA LEU C 73 -5.35 -22.24 -6.05
C LEU C 73 -4.81 -23.57 -6.55
N VAL C 74 -3.51 -23.81 -6.36
CA VAL C 74 -2.92 -25.07 -6.80
C VAL C 74 -3.53 -26.24 -6.05
N SER C 75 -3.68 -26.10 -4.73
CA SER C 75 -4.23 -27.21 -3.94
C SER C 75 -5.69 -27.48 -4.28
N GLN C 76 -6.47 -26.43 -4.55
CA GLN C 76 -7.85 -26.65 -4.99
C GLN C 76 -7.90 -27.18 -6.42
N LEU C 77 -6.99 -26.72 -7.27
CA LEU C 77 -6.99 -27.17 -8.67
C LEU C 77 -6.74 -28.66 -8.76
N LYS C 78 -5.82 -29.19 -7.95
CA LYS C 78 -5.60 -30.62 -7.92
C LYS C 78 -6.84 -31.36 -7.40
N ASN C 79 -7.46 -30.82 -6.36
CA ASN C 79 -8.67 -31.37 -5.77
C ASN C 79 -9.83 -31.39 -6.74
N MET D 1 16.80 1.45 12.20
CA MET D 1 15.41 1.46 11.77
C MET D 1 15.02 2.84 11.24
N MET D 2 14.57 3.73 12.12
CA MET D 2 14.30 5.11 11.74
C MET D 2 15.62 5.86 11.64
N SER D 3 15.92 6.40 10.46
CA SER D 3 17.21 7.02 10.18
C SER D 3 17.19 8.49 10.56
N ASP D 4 18.21 8.93 11.32
CA ASP D 4 18.35 10.34 11.65
C ASP D 4 19.14 11.12 10.61
N ALA D 5 19.33 10.56 9.41
CA ALA D 5 20.19 11.22 8.43
C ALA D 5 19.58 12.54 7.97
N SER D 6 18.27 12.55 7.69
CA SER D 6 17.61 13.79 7.29
C SER D 6 17.68 14.83 8.39
N ASP D 7 17.59 14.40 9.66
CA ASP D 7 17.68 15.36 10.76
C ASP D 7 19.11 15.86 10.96
N MET D 8 20.12 14.99 10.80
CA MET D 8 21.49 15.43 10.93
C MET D 8 21.88 16.39 9.81
N LEU D 9 21.39 16.13 8.60
CA LEU D 9 21.68 17.05 7.50
C LEU D 9 20.94 18.37 7.68
N ALA D 10 19.69 18.32 8.14
CA ALA D 10 18.99 19.55 8.48
C ALA D 10 19.75 20.33 9.54
N ALA D 11 20.28 19.64 10.55
CA ALA D 11 21.06 20.29 11.60
C ALA D 11 22.33 20.91 11.02
N ALA D 12 23.09 20.13 10.24
CA ALA D 12 24.27 20.68 9.59
C ALA D 12 23.91 21.84 8.68
N LEU D 13 22.74 21.76 8.03
CA LEU D 13 22.28 22.87 7.20
C LEU D 13 21.99 24.11 8.04
N GLU D 14 21.41 23.92 9.23
CA GLU D 14 21.10 25.06 10.08
C GLU D 14 22.37 25.72 10.59
N GLN D 15 23.37 24.92 10.96
CA GLN D 15 24.65 25.46 11.40
C GLN D 15 25.30 26.26 10.27
N MET D 16 25.25 25.74 9.04
CA MET D 16 25.79 26.45 7.90
C MET D 16 25.12 27.81 7.72
N ASP D 17 23.80 27.87 7.91
CA ASP D 17 23.10 29.15 7.78
C ASP D 17 23.53 30.14 8.86
N GLY D 18 23.86 29.66 10.05
CA GLY D 18 24.35 30.54 11.08
C GLY D 18 25.72 31.11 10.76
N ILE D 19 26.56 30.31 10.10
CA ILE D 19 27.87 30.79 9.67
C ILE D 19 27.72 31.80 8.54
N ILE D 20 26.88 31.47 7.55
CA ILE D 20 26.70 32.35 6.39
C ILE D 20 26.16 33.70 6.83
N ALA D 21 25.16 33.70 7.71
CA ALA D 21 24.60 34.95 8.21
C ALA D 21 25.47 35.58 9.28
N GLY D 22 26.46 34.87 9.78
CA GLY D 22 27.42 35.44 10.72
C GLY D 22 28.71 35.80 10.01
N SER D 23 28.62 36.00 8.69
CA SER D 23 29.76 36.40 7.85
C SER D 23 30.98 35.50 8.07
N GLY D 24 30.75 34.19 8.01
CA GLY D 24 31.82 33.22 8.08
C GLY D 24 32.36 32.97 9.48
N SER D 25 31.92 33.76 10.47
CA SER D 25 32.31 33.53 11.85
C SER D 25 31.71 32.21 12.36
N GLY D 26 32.47 31.53 13.22
CA GLY D 26 32.08 30.22 13.68
C GLY D 26 32.39 29.09 12.73
N SER D 27 33.26 29.32 11.74
CA SER D 27 33.67 28.32 10.76
C SER D 27 34.99 27.68 11.15
N SER D 28 35.19 27.39 12.44
CA SER D 28 36.43 26.79 12.90
C SER D 28 36.60 25.39 12.29
N PRO D 29 37.83 24.89 12.25
CA PRO D 29 38.06 23.51 11.77
C PRO D 29 37.22 22.48 12.49
N MET D 30 36.96 22.66 13.79
CA MET D 30 36.12 21.71 14.53
C MET D 30 34.70 21.66 13.97
N HIS D 31 34.07 22.84 13.81
CA HIS D 31 32.69 22.87 13.32
C HIS D 31 32.62 22.37 11.88
N LEU D 32 33.58 22.76 11.04
CA LEU D 32 33.57 22.30 9.66
C LEU D 32 33.70 20.79 9.56
N GLN D 33 34.58 20.19 10.38
CA GLN D 33 34.70 18.74 10.37
C GLN D 33 33.40 18.09 10.88
N HIS D 34 32.78 18.68 11.90
CA HIS D 34 31.53 18.14 12.41
C HIS D 34 30.41 18.21 11.37
N ILE D 35 30.29 19.36 10.70
CA ILE D 35 29.32 19.47 9.61
C ILE D 35 29.66 18.45 8.53
N ARG D 36 30.94 18.33 8.18
CA ARG D 36 31.39 17.34 7.22
C ARG D 36 30.92 15.95 7.61
N GLU D 37 31.16 15.56 8.86
CA GLU D 37 30.79 14.21 9.30
C GLU D 37 29.29 13.99 9.16
N GLN D 38 28.48 14.99 9.52
CA GLN D 38 27.04 14.88 9.33
C GLN D 38 26.69 14.79 7.86
N MET D 39 27.37 15.58 7.01
CA MET D 39 27.15 15.48 5.58
C MET D 39 27.51 14.10 5.06
N ALA D 40 28.58 13.51 5.61
CA ALA D 40 28.99 12.18 5.19
C ALA D 40 27.96 11.13 5.58
N ILE D 41 27.40 11.25 6.79
CA ILE D 41 26.34 10.33 7.22
C ILE D 41 25.13 10.45 6.30
N ALA D 42 24.73 11.69 5.99
CA ALA D 42 23.58 11.89 5.13
C ALA D 42 23.83 11.34 3.73
N LEU D 43 25.05 11.51 3.22
CA LEU D 43 25.36 11.02 1.87
C LEU D 43 25.30 9.51 1.81
N LYS D 44 25.83 8.81 2.83
CA LYS D 44 25.76 7.36 2.81
C LYS D 44 24.31 6.88 2.81
N ARG D 45 23.46 7.52 3.61
CA ARG D 45 22.04 7.15 3.61
C ARG D 45 21.40 7.50 2.26
N LEU D 46 21.76 8.64 1.69
CA LEU D 46 21.22 9.04 0.40
C LEU D 46 21.57 8.05 -0.71
N LYS D 47 22.81 7.57 -0.72
CA LYS D 47 23.21 6.59 -1.73
C LYS D 47 22.47 5.28 -1.55
N GLU D 48 22.25 4.89 -0.28
CA GLU D 48 21.49 3.68 0.00
C GLU D 48 20.08 3.79 -0.54
N LEU D 49 19.46 4.97 -0.38
CA LEU D 49 18.08 5.15 -0.80
C LEU D 49 17.95 5.26 -2.31
N GLU D 50 18.90 5.92 -2.97
CA GLU D 50 18.91 5.96 -4.42
C GLU D 50 18.96 4.55 -5.00
N GLU D 51 19.67 3.65 -4.33
CA GLU D 51 19.74 2.27 -4.80
C GLU D 51 18.44 1.52 -4.54
N GLN D 52 17.82 1.72 -3.37
CA GLN D 52 16.60 1.00 -3.04
C GLN D 52 15.46 1.35 -3.99
N VAL D 53 15.27 2.64 -4.28
CA VAL D 53 14.12 3.03 -5.07
C VAL D 53 14.18 2.45 -6.47
N ARG D 54 15.38 2.03 -6.92
CA ARG D 54 15.51 1.34 -8.20
C ARG D 54 14.76 0.01 -8.21
N THR D 55 14.57 -0.61 -7.04
CA THR D 55 13.86 -1.89 -6.94
C THR D 55 12.34 -1.74 -7.00
N ILE D 56 11.80 -0.55 -6.77
CA ILE D 56 10.34 -0.39 -6.76
C ILE D 56 9.72 -0.77 -8.10
N PRO D 57 10.20 -0.28 -9.25
CA PRO D 57 9.67 -0.78 -10.54
C PRO D 57 9.79 -2.29 -10.71
N VAL D 58 10.84 -2.90 -10.16
CA VAL D 58 11.00 -4.35 -10.28
C VAL D 58 9.93 -5.07 -9.48
N LEU D 59 9.69 -4.62 -8.25
CA LEU D 59 8.67 -5.24 -7.41
C LEU D 59 7.29 -5.10 -8.06
N GLN D 60 7.04 -3.98 -8.72
CA GLN D 60 5.74 -3.76 -9.35
C GLN D 60 5.55 -4.70 -10.53
N VAL D 61 6.60 -4.96 -11.31
CA VAL D 61 6.48 -5.94 -12.38
C VAL D 61 6.35 -7.34 -11.79
N LYS D 62 7.09 -7.64 -10.72
CA LYS D 62 6.93 -8.93 -10.05
C LYS D 62 5.50 -9.16 -9.59
N ILE D 63 4.83 -8.09 -9.15
CA ILE D 63 3.44 -8.23 -8.73
C ILE D 63 2.56 -8.55 -9.93
N SER D 64 2.77 -7.86 -11.05
CA SER D 64 1.99 -8.14 -12.26
CA SER D 64 1.99 -8.14 -12.25
C SER D 64 2.19 -9.57 -12.73
N VAL D 65 3.42 -10.09 -12.61
CA VAL D 65 3.69 -11.48 -12.97
C VAL D 65 2.85 -12.42 -12.12
N LEU D 66 2.84 -12.19 -10.80
CA LEU D 66 2.08 -13.05 -9.91
C LEU D 66 0.57 -12.92 -10.18
N GLN D 67 0.12 -11.71 -10.52
CA GLN D 67 -1.29 -11.50 -10.83
C GLN D 67 -1.69 -12.24 -12.10
N GLU D 68 -0.82 -12.24 -13.11
CA GLU D 68 -1.10 -13.03 -14.31
C GLU D 68 -1.06 -14.52 -14.00
N GLU D 69 -0.07 -14.98 -13.22
CA GLU D 69 -0.01 -16.38 -12.84
C GLU D 69 -1.24 -16.79 -12.04
N LYS D 70 -1.67 -15.92 -11.13
CA LYS D 70 -2.91 -16.19 -10.40
C LYS D 70 -4.10 -16.25 -11.35
N ARG D 71 -4.17 -15.30 -12.29
CA ARG D 71 -5.31 -15.22 -13.21
C ARG D 71 -5.43 -16.49 -14.04
N GLN D 72 -4.30 -17.07 -14.43
CA GLN D 72 -4.34 -18.30 -15.21
C GLN D 72 -4.74 -19.49 -14.36
N LEU D 73 -4.37 -19.51 -13.09
CA LEU D 73 -4.85 -20.58 -12.21
C LEU D 73 -6.35 -20.45 -11.95
N VAL D 74 -6.85 -19.22 -11.79
CA VAL D 74 -8.27 -19.04 -11.49
C VAL D 74 -9.13 -19.54 -12.64
N SER D 75 -8.75 -19.22 -13.88
CA SER D 75 -9.53 -19.66 -15.03
C SER D 75 -9.51 -21.18 -15.18
N GLN D 76 -8.38 -21.81 -14.83
CA GLN D 76 -8.34 -23.27 -14.85
C GLN D 76 -9.20 -23.85 -13.73
N LEU D 77 -9.18 -23.22 -12.56
CA LEU D 77 -10.01 -23.67 -11.46
C LEU D 77 -11.49 -23.51 -11.78
N LYS D 78 -11.86 -22.40 -12.42
CA LYS D 78 -13.25 -22.20 -12.82
C LYS D 78 -13.69 -23.25 -13.84
N ASN D 79 -12.81 -23.56 -14.80
CA ASN D 79 -13.15 -24.59 -15.79
C ASN D 79 -13.43 -25.93 -15.12
N GLN D 80 -12.60 -26.32 -14.15
CA GLN D 80 -12.80 -27.58 -13.44
C GLN D 80 -14.12 -27.58 -12.69
N ARG D 81 -14.39 -26.53 -11.93
CA ARG D 81 -15.65 -26.39 -11.20
C ARG D 81 -16.84 -26.29 -12.16
#